data_2YFA
#
_entry.id   2YFA
#
_cell.length_a   226.350
_cell.length_b   45.850
_cell.length_c   51.180
_cell.angle_alpha   90.00
_cell.angle_beta   95.81
_cell.angle_gamma   90.00
#
_symmetry.space_group_name_H-M   'C 1 2 1'
#
loop_
_entity.id
_entity.type
_entity.pdbx_description
1 polymer 'METHYL-ACCEPTING CHEMOTAXIS TRANSDUCER'
2 non-polymer '(2S)-2-hydroxybutanedioic acid'
3 non-polymer 'ACETATE ION'
4 non-polymer 'SULFATE ION'
5 non-polymer 'SODIUM ION'
6 water water
#
_entity_poly.entity_id   1
_entity_poly.type   'polypeptide(L)'
_entity_poly.pdbx_seq_one_letter_code
;MGSSHHHHHHSSGLVPRGSHMGDIGQLNKDLTDLRIARLQYMIANGDDTAAANTLAKLDAFSKQQAYLATTFKSPENVKL
LGELGDTISAYKLSLNKMRQGYDATRAARVSMDSSAIRADQAMDALSQEVMARPEADSVRLAQYQLISKARQQLLQVRID
VRGYIAENSSANEQAALRQLDAALADTDNLKRQLPSEDARLQQFENAVLAYRDAVRQFRDAVANITTSRAEMTVQGADIV
KRSDALYQIQLERRDIES
;
_entity_poly.pdbx_strand_id   A,B
#
# COMPACT_ATOMS: atom_id res chain seq x y z
N GLY A 18 -35.21 30.79 0.43
CA GLY A 18 -34.59 29.55 0.85
C GLY A 18 -33.18 29.42 0.32
N SER A 19 -32.60 30.54 -0.08
CA SER A 19 -31.25 30.54 -0.67
C SER A 19 -30.18 30.12 0.35
N HIS A 20 -30.31 30.57 1.59
CA HIS A 20 -29.35 30.15 2.62
C HIS A 20 -29.36 28.64 2.83
N MET A 21 -30.52 28.01 2.68
CA MET A 21 -30.58 26.57 2.81
C MET A 21 -29.78 25.94 1.66
N GLY A 22 -29.89 26.55 0.48
CA GLY A 22 -29.09 26.16 -0.66
C GLY A 22 -27.61 26.30 -0.35
N ASP A 23 -27.20 27.44 0.19
CA ASP A 23 -25.79 27.69 0.52
C ASP A 23 -25.23 26.58 1.40
N ILE A 24 -26.01 26.15 2.38
CA ILE A 24 -25.58 25.09 3.27
C ILE A 24 -25.48 23.76 2.53
N GLY A 25 -26.35 23.54 1.55
CA GLY A 25 -26.22 22.40 0.67
C GLY A 25 -24.86 22.35 0.01
N GLN A 26 -24.45 23.49 -0.57
CA GLN A 26 -23.16 23.60 -1.21
C GLN A 26 -22.03 23.28 -0.24
N LEU A 27 -22.13 23.80 0.99
CA LEU A 27 -21.13 23.54 2.03
C LEU A 27 -21.01 22.04 2.35
N ASN A 28 -22.14 21.40 2.63
CA ASN A 28 -22.16 19.97 2.98
C ASN A 28 -21.64 19.07 1.85
N LYS A 29 -21.86 19.49 0.61
CA LYS A 29 -21.31 18.79 -0.55
C LYS A 29 -19.81 18.96 -0.59
N ASP A 30 -19.36 20.18 -0.30
CA ASP A 30 -17.95 20.49 -0.26
C ASP A 30 -17.24 19.65 0.81
N LEU A 31 -17.95 19.36 1.89
CA LEU A 31 -17.40 18.56 2.99
C LEU A 31 -17.22 17.10 2.54
N THR A 32 -18.30 16.49 2.09
CA THR A 32 -18.20 15.15 1.53
C THR A 32 -17.05 15.07 0.55
N ASP A 33 -16.97 16.04 -0.35
CA ASP A 33 -15.93 16.03 -1.37
C ASP A 33 -14.53 16.07 -0.78
N LEU A 34 -14.38 16.81 0.31
CA LEU A 34 -13.08 16.88 0.97
C LEU A 34 -12.73 15.54 1.62
N ARG A 35 -13.69 14.95 2.31
CA ARG A 35 -13.49 13.66 2.96
C ARG A 35 -13.14 12.59 1.93
N ILE A 36 -13.88 12.55 0.82
CA ILE A 36 -13.53 11.60 -0.24
C ILE A 36 -12.11 11.84 -0.77
N ALA A 37 -11.78 13.10 -1.04
CA ALA A 37 -10.45 13.44 -1.53
C ALA A 37 -9.32 13.03 -0.59
N ARG A 38 -9.48 13.29 0.70
CA ARG A 38 -8.43 12.90 1.64
C ARG A 38 -8.20 11.38 1.69
N LEU A 39 -9.26 10.58 1.58
CA LEU A 39 -9.09 9.13 1.52
C LEU A 39 -8.42 8.70 0.20
N GLN A 40 -8.77 9.37 -0.90
CA GLN A 40 -8.09 9.10 -2.17
C GLN A 40 -6.59 9.37 -2.04
N TYR A 41 -6.25 10.42 -1.30
CA TYR A 41 -4.87 10.80 -1.07
C TYR A 41 -4.11 9.65 -0.43
N MET A 42 -4.72 8.97 0.55
CA MET A 42 -4.04 7.87 1.22
C MET A 42 -3.92 6.66 0.31
N ILE A 43 -4.95 6.44 -0.48
CA ILE A 43 -4.95 5.32 -1.43
C ILE A 43 -3.81 5.47 -2.42
N ALA A 44 -3.55 6.71 -2.82
CA ALA A 44 -2.47 7.05 -3.73
C ALA A 44 -1.12 7.11 -3.02
N ASN A 45 -1.00 6.39 -1.91
CA ASN A 45 0.25 6.34 -1.15
C ASN A 45 0.79 7.75 -0.86
N GLY A 46 -0.13 8.67 -0.67
CA GLY A 46 0.16 10.02 -0.24
C GLY A 46 0.94 10.79 -1.29
N ASP A 47 0.73 10.51 -2.56
CA ASP A 47 1.60 11.14 -3.57
C ASP A 47 1.27 12.62 -3.78
N ASP A 48 2.22 13.35 -4.37
CA ASP A 48 2.13 14.80 -4.49
C ASP A 48 0.95 15.25 -5.35
N THR A 49 0.62 14.46 -6.36
CA THR A 49 -0.52 14.78 -7.22
C THR A 49 -1.83 14.73 -6.45
N ALA A 50 -2.03 13.67 -5.69
CA ALA A 50 -3.25 13.55 -4.91
C ALA A 50 -3.29 14.60 -3.80
N ALA A 51 -2.13 14.92 -3.25
CA ALA A 51 -2.06 15.96 -2.20
C ALA A 51 -2.57 17.28 -2.74
N ALA A 52 -2.19 17.59 -3.96
CA ALA A 52 -2.71 18.79 -4.62
C ALA A 52 -4.25 18.78 -4.68
N ASN A 53 -4.82 17.64 -5.07
CA ASN A 53 -6.29 17.55 -5.17
C ASN A 53 -6.99 17.74 -3.82
N THR A 54 -6.42 17.18 -2.77
CA THR A 54 -6.99 17.28 -1.44
C THR A 54 -6.92 18.73 -0.97
N LEU A 55 -5.77 19.35 -1.15
CA LEU A 55 -5.59 20.75 -0.80
C LEU A 55 -6.65 21.61 -1.49
N ALA A 56 -6.95 21.26 -2.73
CA ALA A 56 -8.00 21.93 -3.50
C ALA A 56 -9.39 21.77 -2.91
N LYS A 57 -9.79 20.55 -2.55
CA LYS A 57 -11.09 20.33 -1.94
C LYS A 57 -11.20 21.03 -0.57
N LEU A 58 -10.08 21.09 0.13
CA LEU A 58 -10.02 21.77 1.42
C LEU A 58 -10.22 23.28 1.24
N ASP A 59 -9.59 23.82 0.20
CA ASP A 59 -9.71 25.25 -0.06
C ASP A 59 -11.12 25.62 -0.50
N ALA A 60 -11.74 24.74 -1.28
CA ALA A 60 -13.12 24.97 -1.71
C ALA A 60 -14.04 25.00 -0.51
N PHE A 61 -13.81 24.09 0.43
CA PHE A 61 -14.63 24.01 1.63
C PHE A 61 -14.39 25.23 2.52
N SER A 62 -13.11 25.56 2.72
CA SER A 62 -12.75 26.74 3.51
C SER A 62 -13.31 28.04 2.91
N LYS A 63 -13.21 28.17 1.58
CA LYS A 63 -13.70 29.38 0.90
C LYS A 63 -15.20 29.55 1.12
N GLN A 64 -15.92 28.43 1.07
CA GLN A 64 -17.36 28.48 1.26
C GLN A 64 -17.73 28.80 2.72
N GLN A 65 -16.96 28.28 3.67
CA GLN A 65 -17.16 28.64 5.08
C GLN A 65 -16.99 30.15 5.23
N ALA A 66 -15.90 30.67 4.68
CA ALA A 66 -15.59 32.09 4.76
C ALA A 66 -16.65 32.94 4.05
N TYR A 67 -17.10 32.48 2.89
CA TYR A 67 -18.16 33.16 2.15
C TYR A 67 -19.44 33.27 2.99
N LEU A 68 -19.90 32.15 3.53
CA LEU A 68 -21.14 32.17 4.32
C LEU A 68 -20.98 32.96 5.62
N ALA A 69 -19.76 33.02 6.15
CA ALA A 69 -19.51 33.82 7.37
C ALA A 69 -19.80 35.29 7.12
N THR A 70 -19.71 35.72 5.87
CA THR A 70 -20.04 37.10 5.55
C THR A 70 -21.53 37.31 5.26
N THR A 71 -22.23 36.26 4.83
CA THR A 71 -23.60 36.45 4.33
C THR A 71 -24.70 36.01 5.31
N PHE A 72 -24.40 35.04 6.17
CA PHE A 72 -25.36 34.69 7.22
C PHE A 72 -25.35 35.78 8.28
N LYS A 73 -26.50 36.05 8.85
CA LYS A 73 -26.68 37.22 9.69
C LYS A 73 -27.04 36.89 11.14
N SER A 74 -27.76 35.79 11.36
CA SER A 74 -28.22 35.48 12.71
C SER A 74 -27.05 35.06 13.61
N PRO A 75 -27.03 35.56 14.85
CA PRO A 75 -25.91 35.27 15.75
C PRO A 75 -25.62 33.79 15.90
N GLU A 76 -26.64 32.94 16.01
CA GLU A 76 -26.35 31.54 16.23
C GLU A 76 -25.74 30.89 15.00
N ASN A 77 -26.12 31.37 13.81
CA ASN A 77 -25.54 30.88 12.57
C ASN A 77 -24.11 31.36 12.37
N VAL A 78 -23.86 32.63 12.66
CA VAL A 78 -22.52 33.17 12.48
C VAL A 78 -21.56 32.46 13.42
N LYS A 79 -22.05 32.09 14.60
CA LYS A 79 -21.24 31.39 15.59
C LYS A 79 -20.93 29.96 15.17
N LEU A 80 -21.95 29.27 14.70
CA LEU A 80 -21.75 27.92 14.18
C LEU A 80 -20.73 27.95 13.04
N LEU A 81 -20.84 28.94 12.16
CA LEU A 81 -19.85 29.11 11.11
C LEU A 81 -18.46 29.39 11.65
N GLY A 82 -18.39 30.16 12.73
CA GLY A 82 -17.13 30.40 13.40
C GLY A 82 -16.54 29.09 13.95
N GLU A 83 -17.38 28.28 14.56
CA GLU A 83 -16.92 26.99 15.08
C GLU A 83 -16.43 26.11 13.93
N LEU A 84 -17.21 26.01 12.87
CA LEU A 84 -16.78 25.27 11.68
C LEU A 84 -15.42 25.77 11.18
N GLY A 85 -15.26 27.09 11.12
CA GLY A 85 -13.98 27.67 10.73
C GLY A 85 -12.83 27.25 11.64
N ASP A 86 -13.07 27.17 12.94
CA ASP A 86 -12.03 26.70 13.88
C ASP A 86 -11.61 25.26 13.60
N THR A 87 -12.57 24.40 13.33
CA THR A 87 -12.22 23.00 13.03
C THR A 87 -11.49 22.88 11.68
N ILE A 88 -11.88 23.71 10.73
CA ILE A 88 -11.17 23.77 9.45
C ILE A 88 -9.71 24.17 9.65
N SER A 89 -9.46 25.14 10.53
CA SER A 89 -8.09 25.47 10.90
C SER A 89 -7.33 24.29 11.51
N ALA A 90 -7.99 23.51 12.36
CA ALA A 90 -7.35 22.36 12.99
C ALA A 90 -7.10 21.27 11.94
N TYR A 91 -8.10 21.06 11.09
CA TYR A 91 -7.97 20.09 10.01
C TYR A 91 -6.79 20.43 9.09
N LYS A 92 -6.60 21.70 8.73
CA LYS A 92 -5.47 22.08 7.88
C LYS A 92 -4.14 21.71 8.51
N LEU A 93 -4.06 21.83 9.84
CA LEU A 93 -2.83 21.48 10.55
C LEU A 93 -2.60 19.97 10.60
N SER A 94 -3.67 19.21 10.82
CA SER A 94 -3.57 17.76 10.80
C SER A 94 -3.20 17.27 9.40
N LEU A 95 -3.79 17.88 8.38
CA LEU A 95 -3.49 17.48 7.01
C LEU A 95 -2.04 17.80 6.66
N ASN A 96 -1.56 18.96 7.11
CA ASN A 96 -0.14 19.27 6.96
C ASN A 96 0.77 18.22 7.61
N LYS A 97 0.37 17.71 8.78
CA LYS A 97 1.18 16.70 9.46
C LYS A 97 1.19 15.41 8.68
N MET A 98 0.04 15.04 8.11
CA MET A 98 -0.01 13.83 7.27
C MET A 98 0.91 14.00 6.07
N ARG A 99 0.84 15.16 5.44
CA ARG A 99 1.72 15.42 4.30
C ARG A 99 3.19 15.34 4.66
N GLN A 100 3.57 15.96 5.76
CA GLN A 100 4.95 15.81 6.23
C GLN A 100 5.28 14.35 6.49
N GLY A 101 4.29 13.61 6.93
CA GLY A 101 4.47 12.22 7.26
C GLY A 101 4.81 11.49 5.98
N TYR A 102 4.02 11.71 4.93
CA TYR A 102 4.26 10.99 3.67
C TYR A 102 5.61 11.36 3.06
N ASP A 103 5.96 12.64 3.11
CA ASP A 103 7.29 13.05 2.66
C ASP A 103 8.38 12.28 3.40
N ALA A 104 8.19 12.07 4.70
CA ALA A 104 9.20 11.37 5.50
C ALA A 104 9.30 9.88 5.16
N THR A 105 8.17 9.24 4.84
CA THR A 105 8.25 7.85 4.39
C THR A 105 8.98 7.78 3.05
N ARG A 106 8.69 8.72 2.15
CA ARG A 106 9.42 8.78 0.89
C ARG A 106 10.92 8.98 1.11
N ALA A 107 11.29 9.95 1.94
CA ALA A 107 12.71 10.19 2.24
C ALA A 107 13.35 8.95 2.84
N ALA A 108 12.63 8.29 3.74
CA ALA A 108 13.16 7.09 4.37
C ALA A 108 13.40 6.00 3.33
N ARG A 109 12.45 5.82 2.42
CA ARG A 109 12.58 4.80 1.39
C ARG A 109 13.80 5.08 0.50
N VAL A 110 13.95 6.35 0.09
CA VAL A 110 15.12 6.77 -0.66
C VAL A 110 16.41 6.45 0.10
N SER A 111 16.42 6.75 1.39
CA SER A 111 17.59 6.49 2.22
C SER A 111 17.87 4.99 2.37
N MET A 112 16.82 4.20 2.53
CA MET A 112 16.98 2.73 2.61
C MET A 112 17.59 2.16 1.32
N ASP A 113 17.10 2.61 0.17
CA ASP A 113 17.58 2.08 -1.10
C ASP A 113 19.06 2.37 -1.26
N SER A 114 19.45 3.63 -1.06
CA SER A 114 20.85 4.03 -1.20
C SER A 114 21.78 3.36 -0.17
N SER A 115 21.32 3.24 1.08
CA SER A 115 22.12 2.58 2.09
C SER A 115 22.33 1.10 1.77
N ALA A 116 21.28 0.45 1.25
CA ALA A 116 21.36 -0.96 0.88
C ALA A 116 22.35 -1.19 -0.25
N ILE A 117 22.27 -0.33 -1.27
CA ILE A 117 23.16 -0.41 -2.43
C ILE A 117 24.62 -0.22 -2.01
N ARG A 118 24.85 0.77 -1.15
CA ARG A 118 26.18 1.01 -0.60
C ARG A 118 26.69 -0.23 0.15
N ALA A 119 25.82 -0.86 0.93
CA ALA A 119 26.19 -2.06 1.67
C ALA A 119 26.58 -3.19 0.73
N ASP A 120 25.76 -3.42 -0.30
CA ASP A 120 26.02 -4.51 -1.22
C ASP A 120 27.31 -4.25 -2.00
N GLN A 121 27.50 -3.01 -2.44
CA GLN A 121 28.72 -2.66 -3.16
C GLN A 121 29.98 -2.88 -2.32
N ALA A 122 29.89 -2.63 -1.02
CA ALA A 122 31.01 -2.86 -0.12
C ALA A 122 31.36 -4.35 -0.05
N MET A 123 30.34 -5.21 -0.08
CA MET A 123 30.56 -6.64 -0.06
C MET A 123 31.01 -7.11 -1.43
N ASP A 124 30.51 -6.45 -2.47
CA ASP A 124 30.87 -6.75 -3.84
C ASP A 124 32.36 -6.50 -4.04
N ALA A 125 32.82 -5.33 -3.58
CA ALA A 125 34.23 -4.96 -3.72
C ALA A 125 35.11 -5.89 -2.90
N LEU A 126 34.60 -6.31 -1.76
CA LEU A 126 35.33 -7.20 -0.87
C LEU A 126 35.49 -8.59 -1.46
N SER A 127 34.42 -9.11 -2.06
CA SER A 127 34.44 -10.44 -2.67
C SER A 127 35.40 -10.53 -3.84
N GLN A 128 35.46 -9.48 -4.65
CA GLN A 128 36.37 -9.46 -5.79
C GLN A 128 37.79 -9.13 -5.37
N GLU A 129 37.92 -8.54 -4.17
CA GLU A 129 39.23 -8.32 -3.56
C GLU A 129 39.80 -9.64 -3.05
N VAL A 130 38.92 -10.57 -2.71
CA VAL A 130 39.32 -11.91 -2.27
C VAL A 130 39.59 -12.82 -3.47
N MET A 131 38.69 -12.78 -4.45
CA MET A 131 38.87 -13.53 -5.69
C MET A 131 40.14 -13.12 -6.40
N ALA A 132 40.64 -11.93 -6.07
CA ALA A 132 41.87 -11.42 -6.67
C ALA A 132 43.10 -11.89 -5.89
N ARG A 133 42.96 -12.05 -4.59
CA ARG A 133 44.09 -12.43 -3.73
C ARG A 133 44.69 -13.78 -4.11
N PRO A 134 46.02 -13.92 -3.92
CA PRO A 134 46.77 -15.10 -4.35
C PRO A 134 46.86 -16.19 -3.28
N GLU A 135 45.99 -16.11 -2.26
CA GLU A 135 46.05 -17.01 -1.12
C GLU A 135 45.49 -18.39 -1.45
N ALA A 136 45.52 -19.29 -0.48
CA ALA A 136 45.04 -20.66 -0.67
C ALA A 136 43.57 -20.69 -1.08
N ASP A 137 43.24 -21.57 -2.03
CA ASP A 137 41.88 -21.73 -2.51
C ASP A 137 40.91 -22.10 -1.39
N SER A 138 41.33 -23.01 -0.52
CA SER A 138 40.49 -23.42 0.60
C SER A 138 40.18 -22.23 1.50
N VAL A 139 41.14 -21.33 1.64
CA VAL A 139 40.95 -20.10 2.42
C VAL A 139 39.99 -19.15 1.71
N ARG A 140 40.21 -18.95 0.41
CA ARG A 140 39.34 -18.08 -0.40
C ARG A 140 37.91 -18.59 -0.42
N LEU A 141 37.76 -19.92 -0.47
CA LEU A 141 36.44 -20.55 -0.50
C LEU A 141 35.67 -20.32 0.79
N ALA A 142 36.36 -20.46 1.91
CA ALA A 142 35.73 -20.26 3.23
C ALA A 142 35.29 -18.82 3.37
N GLN A 143 36.17 -17.90 2.96
CA GLN A 143 35.91 -16.46 3.03
C GLN A 143 34.73 -16.07 2.14
N TYR A 144 34.71 -16.57 0.91
CA TYR A 144 33.66 -16.23 -0.05
C TYR A 144 32.30 -16.71 0.45
N GLN A 145 32.30 -17.89 1.06
CA GLN A 145 31.09 -18.47 1.62
C GLN A 145 30.50 -17.58 2.71
N LEU A 146 31.37 -17.08 3.60
CA LEU A 146 30.96 -16.19 4.68
C LEU A 146 30.40 -14.88 4.14
N ILE A 147 31.12 -14.28 3.21
CA ILE A 147 30.72 -13.00 2.62
C ILE A 147 29.38 -13.13 1.91
N SER A 148 29.22 -14.17 1.11
CA SER A 148 27.97 -14.38 0.39
C SER A 148 26.80 -14.59 1.35
N LYS A 149 27.02 -15.37 2.41
CA LYS A 149 26.02 -15.57 3.45
C LYS A 149 25.55 -14.24 4.06
N ALA A 150 26.47 -13.29 4.19
CA ALA A 150 26.16 -11.97 4.76
C ALA A 150 25.38 -11.10 3.78
N ARG A 151 25.79 -11.12 2.52
CA ARG A 151 25.07 -10.40 1.47
C ARG A 151 23.64 -10.89 1.39
N GLN A 152 23.47 -12.21 1.38
CA GLN A 152 22.16 -12.79 1.21
C GLN A 152 21.27 -12.60 2.44
N GLN A 153 21.89 -12.54 3.61
CA GLN A 153 21.11 -12.28 4.82
C GLN A 153 20.51 -10.88 4.73
N LEU A 154 21.29 -9.92 4.27
CA LEU A 154 20.81 -8.55 4.16
C LEU A 154 19.74 -8.43 3.07
N LEU A 155 19.88 -9.18 1.99
CA LEU A 155 18.84 -9.19 0.97
C LEU A 155 17.52 -9.67 1.57
N GLN A 156 17.58 -10.68 2.44
CA GLN A 156 16.35 -11.20 3.08
C GLN A 156 15.75 -10.17 4.03
N VAL A 157 16.61 -9.43 4.71
CA VAL A 157 16.16 -8.30 5.51
C VAL A 157 15.41 -7.29 4.63
N ARG A 158 15.94 -7.00 3.44
CA ARG A 158 15.25 -6.06 2.55
C ARG A 158 13.87 -6.59 2.18
N ILE A 159 13.80 -7.89 1.93
CA ILE A 159 12.51 -8.52 1.62
C ILE A 159 11.51 -8.34 2.76
N ASP A 160 11.98 -8.52 3.99
CA ASP A 160 11.11 -8.35 5.16
C ASP A 160 10.69 -6.89 5.32
N VAL A 161 11.63 -5.96 5.13
CA VAL A 161 11.32 -4.55 5.29
C VAL A 161 10.32 -4.13 4.21
N ARG A 162 10.54 -4.59 2.99
CA ARG A 162 9.56 -4.26 1.94
C ARG A 162 8.20 -4.88 2.19
N GLY A 163 8.18 -6.05 2.81
CA GLY A 163 6.91 -6.61 3.26
C GLY A 163 6.19 -5.66 4.21
N TYR A 164 6.96 -5.07 5.12
CA TYR A 164 6.45 -4.10 6.06
C TYR A 164 5.99 -2.79 5.40
N ILE A 165 6.74 -2.34 4.40
CA ILE A 165 6.35 -1.13 3.68
C ILE A 165 5.00 -1.32 2.98
N ALA A 166 4.77 -2.53 2.46
CA ALA A 166 3.51 -2.83 1.77
C ALA A 166 2.35 -2.99 2.77
N GLU A 167 2.66 -3.59 3.91
CA GLU A 167 1.63 -3.85 4.93
C GLU A 167 2.19 -3.43 6.29
N ASN A 168 1.78 -2.25 6.77
CA ASN A 168 2.40 -1.60 7.92
C ASN A 168 2.00 -2.13 9.30
N SER A 169 1.91 -3.45 9.45
CA SER A 169 1.45 -4.01 10.72
C SER A 169 2.56 -3.96 11.78
N SER A 170 2.18 -3.99 13.05
CA SER A 170 3.21 -4.04 14.08
C SER A 170 3.96 -5.38 13.97
N ALA A 171 3.26 -6.42 13.52
CA ALA A 171 3.89 -7.72 13.32
C ALA A 171 5.02 -7.64 12.28
N ASN A 172 4.72 -7.06 11.12
CA ASN A 172 5.73 -6.89 10.07
C ASN A 172 6.86 -5.94 10.50
N GLU A 173 6.49 -4.85 11.17
CA GLU A 173 7.48 -3.94 11.74
C GLU A 173 8.47 -4.67 12.65
N GLN A 174 7.93 -5.40 13.62
CA GLN A 174 8.77 -6.03 14.64
C GLN A 174 9.62 -7.16 14.08
N ALA A 175 9.07 -7.94 13.16
CA ALA A 175 9.84 -8.99 12.49
C ALA A 175 11.02 -8.40 11.71
N ALA A 176 10.75 -7.36 10.95
CA ALA A 176 11.80 -6.68 10.18
C ALA A 176 12.90 -6.15 11.11
N LEU A 177 12.48 -5.47 12.17
CA LEU A 177 13.43 -4.90 13.12
C LEU A 177 14.31 -5.95 13.81
N ARG A 178 13.72 -7.06 14.26
CA ARG A 178 14.49 -8.15 14.84
C ARG A 178 15.49 -8.75 13.83
N GLN A 179 15.03 -8.95 12.59
CA GLN A 179 15.89 -9.60 11.61
C GLN A 179 17.03 -8.68 11.20
N LEU A 180 16.76 -7.39 11.22
CA LEU A 180 17.79 -6.38 10.96
C LEU A 180 18.83 -6.34 12.08
N ASP A 181 18.37 -6.41 13.33
CA ASP A 181 19.32 -6.49 14.44
C ASP A 181 20.14 -7.76 14.39
N ALA A 182 19.54 -8.88 13.98
CA ALA A 182 20.28 -10.13 13.85
C ALA A 182 21.37 -10.04 12.80
N ALA A 183 21.08 -9.34 11.69
CA ALA A 183 22.08 -9.12 10.67
C ALA A 183 23.21 -8.20 11.14
N LEU A 184 22.88 -7.20 11.95
CA LEU A 184 23.92 -6.34 12.54
C LEU A 184 24.80 -7.11 13.52
N ALA A 185 24.17 -7.95 14.34
CA ALA A 185 24.93 -8.77 15.28
C ALA A 185 25.93 -9.66 14.54
N ASP A 186 25.43 -10.36 13.53
CA ASP A 186 26.24 -11.27 12.72
C ASP A 186 27.34 -10.53 11.95
N THR A 187 27.13 -9.24 11.73
CA THR A 187 28.12 -8.41 11.05
C THR A 187 29.24 -8.04 12.02
N ASP A 188 28.88 -7.80 13.27
CA ASP A 188 29.87 -7.66 14.35
C ASP A 188 30.76 -8.90 14.37
N ASN A 189 30.11 -10.06 14.43
CA ASN A 189 30.81 -11.33 14.53
C ASN A 189 31.74 -11.55 13.34
N LEU A 190 31.28 -11.18 12.15
CA LEU A 190 32.04 -11.40 10.94
C LEU A 190 33.33 -10.58 10.95
N LYS A 191 33.27 -9.41 11.58
CA LYS A 191 34.44 -8.55 11.75
C LYS A 191 35.52 -9.26 12.58
N ARG A 192 35.10 -10.01 13.59
CA ARG A 192 36.04 -10.73 14.44
C ARG A 192 36.63 -11.92 13.70
N GLN A 193 35.83 -12.50 12.82
CA GLN A 193 36.22 -13.71 12.11
C GLN A 193 37.13 -13.42 10.92
N LEU A 194 36.98 -12.22 10.35
CA LEU A 194 37.80 -11.82 9.21
C LEU A 194 38.47 -10.47 9.45
N PRO A 195 39.23 -10.36 10.56
CA PRO A 195 39.92 -9.12 10.95
C PRO A 195 40.79 -8.51 9.85
N SER A 196 41.31 -9.33 8.95
CA SER A 196 42.11 -8.81 7.84
C SER A 196 41.28 -7.88 6.94
N GLU A 197 39.96 -8.05 6.98
CA GLU A 197 39.06 -7.29 6.13
C GLU A 197 38.20 -6.31 6.91
N ASP A 198 38.75 -5.78 8.01
CA ASP A 198 37.98 -4.90 8.88
C ASP A 198 37.54 -3.62 8.17
N ALA A 199 38.49 -2.93 7.55
CA ALA A 199 38.19 -1.71 6.80
C ALA A 199 36.94 -1.88 5.94
N ARG A 200 36.85 -2.99 5.23
CA ARG A 200 35.71 -3.27 4.35
C ARG A 200 34.44 -3.59 5.14
N LEU A 201 34.55 -4.54 6.07
CA LEU A 201 33.42 -4.93 6.90
C LEU A 201 32.78 -3.70 7.57
N GLN A 202 33.60 -2.71 7.89
CA GLN A 202 33.11 -1.51 8.55
C GLN A 202 32.31 -0.64 7.60
N GLN A 203 32.75 -0.58 6.34
CA GLN A 203 31.98 0.08 5.29
C GLN A 203 30.59 -0.53 5.28
N PHE A 204 30.55 -1.85 5.22
CA PHE A 204 29.32 -2.61 5.19
C PHE A 204 28.45 -2.31 6.40
N GLU A 205 29.01 -2.52 7.59
CA GLU A 205 28.27 -2.32 8.83
C GLU A 205 27.71 -0.92 8.99
N ASN A 206 28.49 0.09 8.61
CA ASN A 206 28.05 1.46 8.74
C ASN A 206 26.83 1.71 7.86
N ALA A 207 26.83 1.09 6.70
CA ALA A 207 25.70 1.20 5.77
C ALA A 207 24.50 0.50 6.35
N VAL A 208 24.70 -0.67 6.94
CA VAL A 208 23.56 -1.37 7.54
C VAL A 208 23.02 -0.60 8.73
N LEU A 209 23.90 0.01 9.52
CA LEU A 209 23.46 0.85 10.61
C LEU A 209 22.65 2.05 10.12
N ALA A 210 23.06 2.63 9.00
CA ALA A 210 22.30 3.75 8.43
C ALA A 210 20.96 3.24 7.88
N TYR A 211 20.98 2.06 7.28
CA TYR A 211 19.76 1.43 6.80
C TYR A 211 18.77 1.27 7.96
N ARG A 212 19.26 0.74 9.07
CA ARG A 212 18.42 0.66 10.26
C ARG A 212 17.88 2.03 10.71
N ASP A 213 18.70 3.07 10.64
CA ASP A 213 18.20 4.39 11.00
C ASP A 213 17.03 4.77 10.10
N ALA A 214 17.13 4.41 8.83
CA ALA A 214 16.07 4.79 7.88
C ALA A 214 14.78 3.99 8.10
N VAL A 215 14.91 2.72 8.45
CA VAL A 215 13.76 1.87 8.73
C VAL A 215 13.01 2.43 9.94
N ARG A 216 13.76 2.86 10.96
CA ARG A 216 13.16 3.48 12.13
C ARG A 216 12.46 4.80 11.80
N GLN A 217 13.08 5.60 10.94
CA GLN A 217 12.47 6.84 10.48
C GLN A 217 11.19 6.57 9.72
N PHE A 218 11.18 5.52 8.90
CA PHE A 218 9.96 5.16 8.16
C PHE A 218 8.87 4.77 9.15
N ARG A 219 9.25 3.95 10.13
CA ARG A 219 8.30 3.52 11.15
C ARG A 219 7.72 4.72 11.90
N ASP A 220 8.57 5.65 12.32
CA ASP A 220 8.10 6.85 13.02
C ASP A 220 7.18 7.73 12.14
N ALA A 221 7.48 7.80 10.84
CA ALA A 221 6.64 8.58 9.92
C ALA A 221 5.25 7.95 9.74
N VAL A 222 5.20 6.62 9.65
CA VAL A 222 3.93 5.91 9.59
C VAL A 222 3.10 6.25 10.83
N ALA A 223 3.72 6.25 11.99
CA ALA A 223 3.00 6.62 13.20
C ALA A 223 2.42 8.03 13.11
N ASN A 224 3.19 8.99 12.62
CA ASN A 224 2.67 10.35 12.49
C ASN A 224 1.54 10.45 11.48
N ILE A 225 1.61 9.64 10.42
CA ILE A 225 0.52 9.61 9.47
C ILE A 225 -0.75 9.08 10.14
N THR A 226 -0.60 7.99 10.88
CA THR A 226 -1.72 7.35 11.57
C THR A 226 -2.33 8.31 12.60
N THR A 227 -1.47 9.00 13.35
CA THR A 227 -1.96 10.01 14.27
C THR A 227 -2.75 11.13 13.58
N SER A 228 -2.20 11.74 12.53
CA SER A 228 -2.94 12.75 11.79
C SER A 228 -4.28 12.24 11.27
N ARG A 229 -4.27 11.03 10.75
CA ARG A 229 -5.51 10.46 10.22
C ARG A 229 -6.54 10.38 11.33
N ALA A 230 -6.12 9.91 12.51
CA ALA A 230 -7.01 9.78 13.65
C ALA A 230 -7.59 11.15 14.04
N GLU A 231 -6.79 12.18 13.85
CA GLU A 231 -7.20 13.53 14.17
C GLU A 231 -8.22 14.10 13.18
N MET A 232 -7.95 13.90 11.88
CA MET A 232 -8.91 14.35 10.87
C MET A 232 -10.23 13.57 10.93
N THR A 233 -10.20 12.36 11.47
CA THR A 233 -11.41 11.57 11.62
C THR A 233 -12.32 12.27 12.62
N VAL A 234 -11.73 12.71 13.73
CA VAL A 234 -12.42 13.52 14.72
C VAL A 234 -12.93 14.86 14.19
N GLN A 235 -12.05 15.59 13.51
CA GLN A 235 -12.43 16.89 12.97
C GLN A 235 -13.60 16.77 11.98
N GLY A 236 -13.50 15.78 11.09
CA GLY A 236 -14.58 15.48 10.16
C GLY A 236 -15.89 15.22 10.87
N ALA A 237 -15.87 14.38 11.90
CA ALA A 237 -17.08 14.15 12.65
C ALA A 237 -17.59 15.45 13.27
N ASP A 238 -16.68 16.31 13.72
CA ASP A 238 -17.08 17.59 14.33
C ASP A 238 -17.69 18.54 13.30
N ILE A 239 -17.03 18.64 12.14
CA ILE A 239 -17.52 19.45 11.03
C ILE A 239 -18.89 18.96 10.54
N VAL A 240 -19.03 17.65 10.36
CA VAL A 240 -20.33 17.07 10.00
C VAL A 240 -21.42 17.52 10.98
N LYS A 241 -21.17 17.37 12.27
CA LYS A 241 -22.09 17.80 13.31
C LYS A 241 -22.54 19.27 13.19
N ARG A 242 -21.58 20.19 13.08
CA ARG A 242 -21.90 21.63 13.02
C ARG A 242 -22.60 22.02 11.72
N SER A 243 -22.19 21.41 10.62
CA SER A 243 -22.80 21.68 9.33
C SER A 243 -24.23 21.14 9.27
N ASP A 244 -24.44 19.99 9.91
CA ASP A 244 -25.79 19.45 10.06
C ASP A 244 -26.68 20.41 10.83
N ALA A 245 -26.12 21.05 11.86
CA ALA A 245 -26.90 21.96 12.70
C ALA A 245 -27.27 23.24 11.96
N LEU A 246 -26.34 23.78 11.18
CA LEU A 246 -26.68 24.87 10.28
C LEU A 246 -27.84 24.46 9.40
N TYR A 247 -27.74 23.27 8.83
CA TYR A 247 -28.79 22.82 7.92
C TYR A 247 -30.14 22.75 8.63
N GLN A 248 -30.16 22.21 9.84
CA GLN A 248 -31.41 22.07 10.59
C GLN A 248 -32.07 23.43 10.86
N ILE A 249 -31.26 24.42 11.22
CA ILE A 249 -31.78 25.77 11.46
C ILE A 249 -32.50 26.32 10.23
N GLN A 250 -31.86 26.19 9.07
CA GLN A 250 -32.45 26.64 7.82
C GLN A 250 -33.74 25.89 7.50
N LEU A 251 -33.71 24.58 7.71
CA LEU A 251 -34.87 23.73 7.46
C LEU A 251 -36.07 24.20 8.29
N GLU A 252 -35.79 24.60 9.54
CA GLU A 252 -36.82 25.08 10.45
C GLU A 252 -37.51 26.36 9.97
N ARG A 253 -36.99 26.98 8.92
CA ARG A 253 -37.61 28.17 8.36
C ARG A 253 -38.55 27.82 7.20
N SER B 19 -41.76 15.07 6.32
CA SER B 19 -40.98 13.97 6.88
C SER B 19 -40.19 13.23 5.80
N HIS B 20 -40.72 13.19 4.60
CA HIS B 20 -40.04 12.53 3.49
C HIS B 20 -38.71 13.20 3.17
N MET B 21 -38.63 14.51 3.41
CA MET B 21 -37.38 15.22 3.20
C MET B 21 -36.31 14.67 4.13
N GLY B 22 -36.68 14.46 5.39
CA GLY B 22 -35.80 13.83 6.36
C GLY B 22 -35.39 12.42 5.96
N ASP B 23 -36.33 11.66 5.39
CA ASP B 23 -36.04 10.31 4.91
C ASP B 23 -34.92 10.30 3.85
N ILE B 24 -34.94 11.29 2.98
CA ILE B 24 -33.92 11.42 1.96
C ILE B 24 -32.60 11.88 2.59
N GLY B 25 -32.71 12.72 3.61
CA GLY B 25 -31.56 13.06 4.43
C GLY B 25 -30.83 11.82 4.91
N GLN B 26 -31.57 10.88 5.50
CA GLN B 26 -31.01 9.61 5.96
C GLN B 26 -30.38 8.84 4.80
N LEU B 27 -31.07 8.81 3.67
CA LEU B 27 -30.56 8.12 2.48
C LEU B 27 -29.21 8.70 2.06
N ASN B 28 -29.15 10.02 1.97
CA ASN B 28 -27.93 10.69 1.52
C ASN B 28 -26.77 10.51 2.51
N LYS B 29 -27.08 10.42 3.80
CA LYS B 29 -26.07 10.13 4.80
C LYS B 29 -25.59 8.68 4.70
N ASP B 30 -26.50 7.73 4.48
CA ASP B 30 -26.10 6.34 4.27
C ASP B 30 -25.19 6.18 3.06
N LEU B 31 -25.46 6.98 2.04
CA LEU B 31 -24.68 6.97 0.81
C LEU B 31 -23.25 7.45 1.09
N THR B 32 -23.13 8.55 1.81
CA THR B 32 -21.81 9.06 2.14
C THR B 32 -21.07 8.03 2.96
N ASP B 33 -21.77 7.42 3.93
CA ASP B 33 -21.11 6.45 4.79
C ASP B 33 -20.59 5.27 3.99
N LEU B 34 -21.31 4.87 2.94
CA LEU B 34 -20.87 3.79 2.07
C LEU B 34 -19.64 4.18 1.23
N ARG B 35 -19.67 5.35 0.63
CA ARG B 35 -18.53 5.84 -0.12
C ARG B 35 -17.31 5.91 0.79
N ILE B 36 -17.50 6.46 1.99
CA ILE B 36 -16.38 6.51 2.94
C ILE B 36 -15.88 5.11 3.27
N ALA B 37 -16.80 4.18 3.59
CA ALA B 37 -16.40 2.83 3.94
C ALA B 37 -15.63 2.12 2.84
N ARG B 38 -16.05 2.29 1.58
CA ARG B 38 -15.37 1.59 0.50
C ARG B 38 -13.94 2.09 0.29
N LEU B 39 -13.70 3.37 0.52
CA LEU B 39 -12.34 3.88 0.42
C LEU B 39 -11.49 3.37 1.58
N GLN B 40 -12.07 3.32 2.78
CA GLN B 40 -11.39 2.73 3.93
C GLN B 40 -10.96 1.28 3.67
N TYR B 41 -11.82 0.57 2.95
CA TYR B 41 -11.56 -0.81 2.55
C TYR B 41 -10.28 -0.92 1.76
N MET B 42 -10.08 0.01 0.82
CA MET B 42 -8.91 -0.05 -0.02
C MET B 42 -7.67 0.36 0.76
N ILE B 43 -7.84 1.33 1.66
CA ILE B 43 -6.73 1.78 2.49
C ILE B 43 -6.23 0.64 3.37
N ALA B 44 -7.18 -0.16 3.84
CA ALA B 44 -6.90 -1.36 4.62
C ALA B 44 -6.41 -2.55 3.78
N ASN B 45 -5.85 -2.28 2.61
CA ASN B 45 -5.34 -3.32 1.72
C ASN B 45 -6.35 -4.43 1.47
N GLY B 46 -7.62 -4.04 1.47
CA GLY B 46 -8.70 -4.93 1.09
C GLY B 46 -8.90 -6.06 2.07
N ASP B 47 -8.60 -5.81 3.34
CA ASP B 47 -8.65 -6.90 4.32
C ASP B 47 -10.09 -7.29 4.69
N ASP B 48 -10.28 -8.52 5.14
CA ASP B 48 -11.63 -9.06 5.35
C ASP B 48 -12.46 -8.28 6.39
N THR B 49 -11.81 -7.72 7.41
CA THR B 49 -12.52 -6.91 8.37
C THR B 49 -13.15 -5.66 7.75
N ALA B 50 -12.39 -4.94 6.94
CA ALA B 50 -12.94 -3.74 6.32
C ALA B 50 -13.95 -4.13 5.21
N ALA B 51 -13.76 -5.28 4.58
CA ALA B 51 -14.73 -5.77 3.60
C ALA B 51 -16.08 -5.93 4.31
N ALA B 52 -16.05 -6.55 5.48
CA ALA B 52 -17.26 -6.72 6.28
C ALA B 52 -17.93 -5.38 6.58
N ASN B 53 -17.12 -4.39 6.95
CA ASN B 53 -17.67 -3.08 7.27
C ASN B 53 -18.31 -2.42 6.04
N THR B 54 -17.68 -2.60 4.89
CA THR B 54 -18.20 -2.02 3.65
C THR B 54 -19.53 -2.69 3.27
N LEU B 55 -19.55 -4.02 3.32
CA LEU B 55 -20.79 -4.75 3.08
C LEU B 55 -21.91 -4.25 3.99
N ALA B 56 -21.57 -3.96 5.24
CA ALA B 56 -22.55 -3.43 6.18
C ALA B 56 -23.09 -2.06 5.81
N LYS B 57 -22.21 -1.16 5.34
CA LYS B 57 -22.69 0.14 4.93
C LYS B 57 -23.56 0.00 3.67
N LEU B 58 -23.16 -0.92 2.81
CA LEU B 58 -23.91 -1.19 1.58
C LEU B 58 -25.36 -1.60 1.84
N ASP B 59 -25.58 -2.58 2.71
CA ASP B 59 -26.98 -2.96 2.88
C ASP B 59 -27.79 -2.02 3.78
N ALA B 60 -27.10 -1.19 4.57
CA ALA B 60 -27.78 -0.08 5.25
C ALA B 60 -28.38 0.85 4.22
N PHE B 61 -27.60 1.13 3.18
CA PHE B 61 -28.05 2.03 2.14
C PHE B 61 -29.12 1.32 1.30
N SER B 62 -28.85 0.07 0.95
CA SER B 62 -29.83 -0.74 0.21
C SER B 62 -31.16 -0.78 0.95
N LYS B 63 -31.11 -1.05 2.25
CA LYS B 63 -32.31 -1.14 3.08
C LYS B 63 -33.13 0.15 3.03
N GLN B 64 -32.44 1.29 3.17
CA GLN B 64 -33.12 2.59 3.10
C GLN B 64 -33.77 2.84 1.74
N GLN B 65 -33.08 2.44 0.66
CA GLN B 65 -33.70 2.51 -0.67
C GLN B 65 -34.99 1.67 -0.71
N ALA B 66 -34.91 0.44 -0.23
CA ALA B 66 -36.04 -0.49 -0.22
C ALA B 66 -37.18 0.01 0.66
N TYR B 67 -36.83 0.57 1.82
CA TYR B 67 -37.81 1.16 2.72
C TYR B 67 -38.56 2.27 2.02
N LEU B 68 -37.81 3.24 1.49
CA LEU B 68 -38.42 4.41 0.84
C LEU B 68 -39.22 4.01 -0.39
N ALA B 69 -38.79 2.95 -1.06
CA ALA B 69 -39.53 2.44 -2.22
C ALA B 69 -40.96 2.04 -1.85
N THR B 70 -41.19 1.76 -0.57
CA THR B 70 -42.52 1.37 -0.10
C THR B 70 -43.36 2.54 0.42
N THR B 71 -42.70 3.61 0.84
CA THR B 71 -43.40 4.72 1.49
C THR B 71 -43.62 5.93 0.57
N PHE B 72 -42.72 6.16 -0.38
CA PHE B 72 -42.94 7.26 -1.33
C PHE B 72 -44.03 6.87 -2.32
N LYS B 73 -44.89 7.82 -2.67
CA LYS B 73 -46.09 7.51 -3.46
C LYS B 73 -46.10 8.11 -4.87
N SER B 74 -45.50 9.28 -5.03
CA SER B 74 -45.48 9.95 -6.33
C SER B 74 -44.77 9.09 -7.37
N PRO B 75 -45.37 8.94 -8.56
CA PRO B 75 -44.70 8.05 -9.52
C PRO B 75 -43.28 8.50 -9.85
N GLU B 76 -43.05 9.80 -9.93
CA GLU B 76 -41.73 10.29 -10.31
C GLU B 76 -40.70 9.97 -9.22
N ASN B 77 -41.15 9.98 -7.97
CA ASN B 77 -40.28 9.60 -6.86
C ASN B 77 -40.05 8.10 -6.86
N VAL B 78 -41.09 7.34 -7.15
CA VAL B 78 -40.98 5.89 -7.10
C VAL B 78 -40.01 5.39 -8.19
N LYS B 79 -40.04 6.04 -9.35
CA LYS B 79 -39.16 5.69 -10.45
C LYS B 79 -37.71 6.08 -10.13
N LEU B 80 -37.52 7.25 -9.52
CA LEU B 80 -36.19 7.63 -9.06
C LEU B 80 -35.62 6.61 -8.09
N LEU B 81 -36.47 6.12 -7.18
CA LEU B 81 -36.02 5.10 -6.22
C LEU B 81 -35.71 3.78 -6.90
N GLY B 82 -36.48 3.44 -7.94
CA GLY B 82 -36.20 2.26 -8.74
C GLY B 82 -34.87 2.37 -9.49
N GLU B 83 -34.59 3.53 -10.06
CA GLU B 83 -33.29 3.76 -10.69
C GLU B 83 -32.14 3.65 -9.68
N LEU B 84 -32.34 4.21 -8.50
CA LEU B 84 -31.35 4.10 -7.45
C LEU B 84 -31.11 2.63 -7.16
N GLY B 85 -32.20 1.88 -6.98
CA GLY B 85 -32.09 0.46 -6.72
C GLY B 85 -31.33 -0.31 -7.78
N ASP B 86 -31.51 0.07 -9.06
CA ASP B 86 -30.76 -0.59 -10.13
C ASP B 86 -29.27 -0.33 -10.00
N THR B 87 -28.92 0.89 -9.60
CA THR B 87 -27.51 1.23 -9.51
C THR B 87 -26.88 0.53 -8.32
N ILE B 88 -27.67 0.36 -7.26
CA ILE B 88 -27.26 -0.42 -6.08
C ILE B 88 -26.96 -1.86 -6.47
N SER B 89 -27.82 -2.45 -7.29
CA SER B 89 -27.56 -3.80 -7.78
C SER B 89 -26.24 -3.88 -8.55
N ALA B 90 -25.95 -2.87 -9.37
CA ALA B 90 -24.70 -2.87 -10.14
C ALA B 90 -23.50 -2.68 -9.20
N TYR B 91 -23.66 -1.77 -8.26
CA TYR B 91 -22.63 -1.51 -7.27
C TYR B 91 -22.26 -2.77 -6.50
N LYS B 92 -23.26 -3.55 -6.07
CA LYS B 92 -22.95 -4.78 -5.35
C LYS B 92 -22.10 -5.72 -6.19
N LEU B 93 -22.40 -5.80 -7.48
CA LEU B 93 -21.62 -6.66 -8.38
C LEU B 93 -20.18 -6.16 -8.55
N SER B 94 -20.02 -4.86 -8.69
CA SER B 94 -18.68 -4.28 -8.77
C SER B 94 -17.91 -4.51 -7.45
N LEU B 95 -18.58 -4.29 -6.32
CA LEU B 95 -17.90 -4.47 -5.03
C LEU B 95 -17.49 -5.93 -4.84
N ASN B 96 -18.34 -6.85 -5.33
CA ASN B 96 -17.99 -8.26 -5.34
C ASN B 96 -16.74 -8.53 -6.18
N LYS B 97 -16.64 -7.89 -7.35
CA LYS B 97 -15.47 -8.04 -8.20
C LYS B 97 -14.23 -7.53 -7.48
N MET B 98 -14.35 -6.40 -6.81
CA MET B 98 -13.21 -5.88 -6.01
C MET B 98 -12.78 -6.88 -4.93
N ARG B 99 -13.75 -7.38 -4.18
CA ARG B 99 -13.46 -8.40 -3.17
C ARG B 99 -12.74 -9.62 -3.76
N GLN B 100 -13.25 -10.14 -4.87
CA GLN B 100 -12.58 -11.25 -5.54
C GLN B 100 -11.16 -10.90 -5.96
N GLY B 101 -10.94 -9.65 -6.35
CA GLY B 101 -9.59 -9.24 -6.73
C GLY B 101 -8.65 -9.27 -5.53
N TYR B 102 -9.10 -8.72 -4.41
CA TYR B 102 -8.24 -8.71 -3.22
C TYR B 102 -7.93 -10.14 -2.77
N ASP B 103 -8.91 -11.03 -2.87
CA ASP B 103 -8.71 -12.44 -2.56
C ASP B 103 -7.61 -13.00 -3.45
N ALA B 104 -7.67 -12.65 -4.73
CA ALA B 104 -6.70 -13.16 -5.69
C ALA B 104 -5.33 -12.56 -5.43
N THR B 105 -5.25 -11.28 -5.10
CA THR B 105 -3.92 -10.73 -4.76
C THR B 105 -3.32 -11.45 -3.56
N ARG B 106 -4.17 -11.76 -2.58
CA ARG B 106 -3.72 -12.47 -1.39
C ARG B 106 -3.27 -13.89 -1.73
N ALA B 107 -4.04 -14.59 -2.56
CA ALA B 107 -3.66 -15.94 -3.02
C ALA B 107 -2.34 -15.92 -3.77
N ALA B 108 -2.19 -14.95 -4.68
CA ALA B 108 -0.95 -14.86 -5.44
C ALA B 108 0.27 -14.61 -4.54
N ARG B 109 0.09 -13.79 -3.51
CA ARG B 109 1.18 -13.52 -2.58
C ARG B 109 1.56 -14.77 -1.81
N VAL B 110 0.57 -15.52 -1.35
CA VAL B 110 0.84 -16.80 -0.73
C VAL B 110 1.60 -17.72 -1.67
N SER B 111 1.20 -17.75 -2.93
CA SER B 111 1.86 -18.58 -3.94
C SER B 111 3.29 -18.11 -4.23
N MET B 112 3.48 -16.80 -4.34
CA MET B 112 4.83 -16.27 -4.50
C MET B 112 5.76 -16.67 -3.34
N ASP B 113 5.28 -16.58 -2.11
CA ASP B 113 6.13 -16.90 -0.95
C ASP B 113 6.51 -18.38 -0.97
N SER B 114 5.54 -19.24 -1.21
CA SER B 114 5.81 -20.66 -1.20
C SER B 114 6.74 -21.07 -2.36
N SER B 115 6.53 -20.49 -3.54
CA SER B 115 7.41 -20.83 -4.65
C SER B 115 8.85 -20.33 -4.45
N ALA B 116 8.98 -19.17 -3.83
CA ALA B 116 10.30 -18.62 -3.53
C ALA B 116 11.09 -19.51 -2.56
N ILE B 117 10.41 -19.94 -1.50
CA ILE B 117 10.97 -20.86 -0.52
C ILE B 117 11.39 -22.19 -1.16
N ARG B 118 10.52 -22.76 -2.00
CA ARG B 118 10.85 -23.98 -2.73
C ARG B 118 12.10 -23.82 -3.61
N ALA B 119 12.19 -22.69 -4.31
CA ALA B 119 13.36 -22.40 -5.14
C ALA B 119 14.64 -22.33 -4.30
N ASP B 120 14.56 -21.64 -3.16
CA ASP B 120 15.70 -21.48 -2.28
C ASP B 120 16.15 -22.82 -1.68
N GLN B 121 15.19 -23.66 -1.32
CA GLN B 121 15.51 -24.99 -0.78
C GLN B 121 16.18 -25.89 -1.84
N ALA B 122 15.71 -25.79 -3.09
CA ALA B 122 16.32 -26.55 -4.18
C ALA B 122 17.75 -26.10 -4.37
N MET B 123 17.97 -24.80 -4.22
CA MET B 123 19.30 -24.22 -4.38
C MET B 123 20.18 -24.56 -3.19
N ASP B 124 19.57 -24.75 -2.02
CA ASP B 124 20.32 -25.20 -0.86
C ASP B 124 20.80 -26.64 -1.05
N ALA B 125 19.88 -27.52 -1.43
CA ALA B 125 20.21 -28.92 -1.67
C ALA B 125 21.22 -29.06 -2.80
N LEU B 126 21.21 -28.11 -3.73
CA LEU B 126 22.16 -28.10 -4.84
C LEU B 126 23.56 -27.73 -4.38
N SER B 127 23.65 -26.75 -3.48
CA SER B 127 24.93 -26.23 -3.01
C SER B 127 25.55 -27.12 -1.94
N GLN B 128 24.77 -28.09 -1.46
CA GLN B 128 25.24 -28.93 -0.36
C GLN B 128 25.51 -30.39 -0.77
N GLU B 129 25.09 -30.75 -1.98
CA GLU B 129 25.59 -31.98 -2.59
C GLU B 129 26.62 -31.58 -3.64
N VAL B 130 27.18 -30.38 -3.46
CA VAL B 130 28.30 -29.91 -4.24
C VAL B 130 29.56 -30.06 -3.40
N MET B 131 29.39 -29.98 -2.09
CA MET B 131 30.49 -30.08 -1.14
C MET B 131 30.80 -31.54 -0.83
N ALA B 132 29.79 -32.39 -1.00
CA ALA B 132 29.93 -33.83 -0.72
C ALA B 132 30.65 -34.56 -1.85
N ARG B 133 30.90 -33.86 -2.95
CA ARG B 133 31.60 -34.44 -4.09
C ARG B 133 33.09 -34.13 -4.04
N PRO B 134 33.93 -35.15 -4.30
CA PRO B 134 35.38 -34.98 -4.31
C PRO B 134 35.87 -34.27 -5.57
N GLU B 135 36.43 -33.09 -5.40
CA GLU B 135 36.95 -32.31 -6.52
C GLU B 135 37.92 -31.25 -6.01
N ALA B 136 38.67 -30.65 -6.92
CA ALA B 136 39.62 -29.61 -6.57
C ALA B 136 38.93 -28.43 -5.87
N ASP B 137 39.70 -27.70 -5.07
CA ASP B 137 39.16 -26.54 -4.36
C ASP B 137 38.86 -25.39 -5.31
N SER B 138 39.70 -25.22 -6.33
CA SER B 138 39.52 -24.15 -7.30
C SER B 138 38.20 -24.34 -8.03
N VAL B 139 37.86 -25.60 -8.28
CA VAL B 139 36.61 -25.94 -8.95
C VAL B 139 35.44 -25.72 -8.01
N ARG B 140 35.66 -26.01 -6.72
CA ARG B 140 34.64 -25.82 -5.70
C ARG B 140 34.36 -24.33 -5.54
N LEU B 141 35.41 -23.52 -5.63
CA LEU B 141 35.30 -22.07 -5.53
C LEU B 141 34.57 -21.47 -6.73
N ALA B 142 34.85 -22.01 -7.91
CA ALA B 142 34.17 -21.56 -9.13
C ALA B 142 32.68 -21.91 -9.10
N GLN B 143 32.36 -23.10 -8.59
CA GLN B 143 30.97 -23.54 -8.53
C GLN B 143 30.15 -22.71 -7.55
N TYR B 144 30.68 -22.47 -6.36
CA TYR B 144 29.96 -21.72 -5.34
C TYR B 144 29.73 -20.29 -5.80
N GLN B 145 30.58 -19.80 -6.68
CA GLN B 145 30.48 -18.45 -7.17
C GLN B 145 29.22 -18.26 -8.01
N LEU B 146 28.87 -19.29 -8.79
CA LEU B 146 27.71 -19.19 -9.67
C LEU B 146 26.42 -19.60 -8.98
N ILE B 147 26.51 -20.54 -8.05
CA ILE B 147 25.36 -20.86 -7.23
C ILE B 147 24.93 -19.60 -6.47
N SER B 148 25.88 -18.98 -5.78
CA SER B 148 25.58 -17.79 -4.99
C SER B 148 25.04 -16.67 -5.89
N LYS B 149 25.62 -16.54 -7.08
CA LYS B 149 25.18 -15.55 -8.07
C LYS B 149 23.71 -15.72 -8.43
N ALA B 150 23.28 -16.98 -8.55
CA ALA B 150 21.89 -17.29 -8.86
C ALA B 150 20.98 -17.05 -7.66
N ARG B 151 21.43 -17.47 -6.48
CA ARG B 151 20.69 -17.21 -5.25
C ARG B 151 20.35 -15.73 -5.14
N GLN B 152 21.38 -14.91 -5.18
CA GLN B 152 21.25 -13.48 -4.92
C GLN B 152 20.43 -12.81 -6.02
N GLN B 153 20.52 -13.35 -7.23
CA GLN B 153 19.75 -12.80 -8.34
C GLN B 153 18.26 -12.93 -8.06
N LEU B 154 17.84 -14.11 -7.61
CA LEU B 154 16.44 -14.36 -7.30
C LEU B 154 15.97 -13.54 -6.07
N LEU B 155 16.83 -13.45 -5.07
CA LEU B 155 16.57 -12.56 -3.94
C LEU B 155 16.29 -11.14 -4.40
N GLN B 156 17.10 -10.63 -5.34
CA GLN B 156 16.88 -9.27 -5.85
C GLN B 156 15.58 -9.17 -6.63
N VAL B 157 15.22 -10.23 -7.36
CA VAL B 157 13.92 -10.26 -8.03
C VAL B 157 12.77 -10.14 -7.02
N ARG B 158 12.87 -10.85 -5.90
CA ARG B 158 11.86 -10.76 -4.85
C ARG B 158 11.75 -9.34 -4.32
N ILE B 159 12.89 -8.67 -4.19
CA ILE B 159 12.91 -7.26 -3.75
C ILE B 159 12.19 -6.36 -4.75
N ASP B 160 12.43 -6.60 -6.04
CA ASP B 160 11.73 -5.86 -7.08
C ASP B 160 10.24 -6.16 -7.03
N VAL B 161 9.87 -7.43 -6.91
CA VAL B 161 8.44 -7.79 -6.86
C VAL B 161 7.75 -7.17 -5.64
N ARG B 162 8.42 -7.16 -4.49
CA ARG B 162 7.82 -6.54 -3.32
C ARG B 162 7.72 -5.02 -3.45
N GLY B 163 8.64 -4.46 -4.24
CA GLY B 163 8.57 -3.04 -4.56
C GLY B 163 7.26 -2.81 -5.30
N TYR B 164 6.98 -3.67 -6.28
CA TYR B 164 5.75 -3.60 -7.06
C TYR B 164 4.49 -3.80 -6.20
N ILE B 165 4.55 -4.73 -5.25
CA ILE B 165 3.41 -4.98 -4.38
C ILE B 165 3.07 -3.74 -3.54
N ALA B 166 4.10 -3.06 -3.08
CA ALA B 166 3.91 -1.82 -2.32
C ALA B 166 3.40 -0.68 -3.20
N GLU B 167 3.90 -0.59 -4.43
CA GLU B 167 3.57 0.49 -5.35
C GLU B 167 3.29 -0.08 -6.75
N ASN B 168 2.01 -0.32 -7.03
CA ASN B 168 1.57 -1.06 -8.22
C ASN B 168 1.69 -0.35 -9.57
N SER B 169 2.80 0.32 -9.82
CA SER B 169 2.93 1.04 -11.08
C SER B 169 3.29 0.12 -12.26
N SER B 170 2.98 0.59 -13.46
CA SER B 170 3.39 -0.09 -14.68
C SER B 170 4.90 -0.24 -14.69
N ALA B 171 5.60 0.81 -14.26
CA ALA B 171 7.06 0.77 -14.27
C ALA B 171 7.61 -0.30 -13.34
N ASN B 172 7.09 -0.34 -12.12
CA ASN B 172 7.46 -1.40 -11.17
C ASN B 172 7.07 -2.80 -11.65
N GLU B 173 5.87 -2.91 -12.22
CA GLU B 173 5.42 -4.17 -12.79
C GLU B 173 6.41 -4.67 -13.83
N GLN B 174 6.70 -3.83 -14.81
CA GLN B 174 7.49 -4.27 -15.95
C GLN B 174 8.94 -4.55 -15.57
N ALA B 175 9.48 -3.76 -14.64
CA ALA B 175 10.86 -3.96 -14.20
C ALA B 175 10.99 -5.32 -13.51
N ALA B 176 10.00 -5.64 -12.68
CA ALA B 176 10.00 -6.93 -11.98
C ALA B 176 9.90 -8.07 -13.00
N LEU B 177 8.96 -7.96 -13.93
CA LEU B 177 8.81 -9.00 -14.95
C LEU B 177 10.06 -9.22 -15.80
N ARG B 178 10.72 -8.14 -16.24
CA ARG B 178 11.97 -8.27 -16.99
C ARG B 178 13.06 -8.96 -16.16
N GLN B 179 13.20 -8.54 -14.91
CA GLN B 179 14.28 -9.09 -14.08
C GLN B 179 14.05 -10.55 -13.81
N LEU B 180 12.77 -10.92 -13.67
CA LEU B 180 12.38 -12.32 -13.45
C LEU B 180 12.68 -13.17 -14.70
N ASP B 181 12.38 -12.63 -15.88
CA ASP B 181 12.74 -13.31 -17.13
C ASP B 181 14.24 -13.47 -17.32
N ALA B 182 15.02 -12.51 -16.83
CA ALA B 182 16.48 -12.63 -16.91
C ALA B 182 16.98 -13.73 -15.98
N ALA B 183 16.33 -13.86 -14.82
CA ALA B 183 16.65 -14.95 -13.91
C ALA B 183 16.37 -16.31 -14.53
N LEU B 184 15.21 -16.47 -15.17
CA LEU B 184 14.88 -17.74 -15.83
C LEU B 184 15.82 -18.06 -16.98
N ALA B 185 16.26 -17.02 -17.68
CA ALA B 185 17.22 -17.19 -18.77
C ALA B 185 18.55 -17.70 -18.22
N ASP B 186 19.04 -17.08 -17.15
CA ASP B 186 20.30 -17.47 -16.54
C ASP B 186 20.23 -18.83 -15.86
N THR B 187 19.03 -19.27 -15.50
CA THR B 187 18.86 -20.57 -14.87
C THR B 187 18.99 -21.68 -15.91
N ASP B 188 18.69 -21.35 -17.15
CA ASP B 188 18.88 -22.26 -18.26
C ASP B 188 20.37 -22.36 -18.58
N ASN B 189 21.05 -21.22 -18.49
CA ASN B 189 22.49 -21.14 -18.73
C ASN B 189 23.27 -21.90 -17.64
N LEU B 190 22.77 -21.82 -16.41
CA LEU B 190 23.41 -22.48 -15.28
C LEU B 190 23.42 -24.00 -15.44
N LYS B 191 22.41 -24.53 -16.13
CA LYS B 191 22.36 -25.96 -16.41
C LYS B 191 23.43 -26.34 -17.42
N ARG B 192 23.76 -25.41 -18.30
CA ARG B 192 24.83 -25.60 -19.28
C ARG B 192 26.19 -25.64 -18.59
N GLN B 193 26.32 -24.85 -17.53
CA GLN B 193 27.58 -24.71 -16.81
C GLN B 193 27.72 -25.77 -15.71
N LEU B 194 26.60 -26.29 -15.24
CA LEU B 194 26.60 -27.38 -14.25
C LEU B 194 25.80 -28.57 -14.75
N PRO B 195 26.23 -29.16 -15.88
CA PRO B 195 25.51 -30.27 -16.50
C PRO B 195 25.29 -31.46 -15.56
N SER B 196 26.10 -31.57 -14.51
CA SER B 196 25.96 -32.67 -13.57
C SER B 196 24.70 -32.54 -12.72
N GLU B 197 24.22 -31.31 -12.55
CA GLU B 197 23.12 -31.03 -11.62
C GLU B 197 21.81 -30.64 -12.31
N ASP B 198 21.60 -31.15 -13.52
CA ASP B 198 20.44 -30.78 -14.30
C ASP B 198 19.11 -31.06 -13.61
N ALA B 199 19.01 -32.18 -12.91
CA ALA B 199 17.79 -32.52 -12.19
C ALA B 199 17.43 -31.45 -11.17
N ARG B 200 18.42 -31.05 -10.38
CA ARG B 200 18.20 -30.10 -9.29
C ARG B 200 17.93 -28.67 -9.81
N LEU B 201 18.57 -28.32 -10.92
CA LEU B 201 18.35 -27.02 -11.53
C LEU B 201 16.96 -26.92 -12.14
N GLN B 202 16.48 -28.04 -12.67
CA GLN B 202 15.12 -28.12 -13.21
C GLN B 202 14.09 -27.90 -12.11
N GLN B 203 14.38 -28.47 -10.95
CA GLN B 203 13.55 -28.31 -9.75
C GLN B 203 13.51 -26.84 -9.38
N PHE B 204 14.69 -26.22 -9.38
CA PHE B 204 14.82 -24.80 -9.12
C PHE B 204 14.05 -24.01 -10.17
N GLU B 205 14.23 -24.36 -11.44
CA GLU B 205 13.59 -23.65 -12.54
C GLU B 205 12.06 -23.75 -12.52
N ASN B 206 11.56 -24.93 -12.20
CA ASN B 206 10.12 -25.12 -12.06
C ASN B 206 9.53 -24.15 -11.04
N ALA B 207 10.23 -24.00 -9.92
CA ALA B 207 9.78 -23.16 -8.84
C ALA B 207 9.77 -21.69 -9.25
N VAL B 208 10.76 -21.28 -10.05
CA VAL B 208 10.81 -19.90 -10.51
C VAL B 208 9.75 -19.62 -11.57
N LEU B 209 9.48 -20.60 -12.41
CA LEU B 209 8.37 -20.48 -13.36
C LEU B 209 7.04 -20.33 -12.64
N ALA B 210 6.84 -21.10 -11.57
CA ALA B 210 5.60 -21.02 -10.80
C ALA B 210 5.49 -19.65 -10.13
N TYR B 211 6.63 -19.15 -9.66
CA TYR B 211 6.71 -17.81 -9.08
C TYR B 211 6.27 -16.75 -10.09
N ARG B 212 6.75 -16.88 -11.33
CA ARG B 212 6.34 -15.97 -12.39
C ARG B 212 4.83 -16.05 -12.65
N ASP B 213 4.29 -17.28 -12.70
CA ASP B 213 2.86 -17.45 -12.85
C ASP B 213 2.11 -16.66 -11.77
N ALA B 214 2.64 -16.70 -10.56
CA ALA B 214 2.00 -16.01 -9.44
C ALA B 214 2.12 -14.50 -9.54
N VAL B 215 3.26 -14.00 -10.04
CA VAL B 215 3.41 -12.55 -10.18
C VAL B 215 2.40 -12.05 -11.22
N ARG B 216 2.27 -12.79 -12.32
CA ARG B 216 1.27 -12.48 -13.33
C ARG B 216 -0.17 -12.52 -12.81
N GLN B 217 -0.48 -13.53 -12.00
CA GLN B 217 -1.79 -13.61 -11.34
C GLN B 217 -2.02 -12.41 -10.41
N PHE B 218 -0.99 -11.97 -9.72
CA PHE B 218 -1.13 -10.77 -8.88
C PHE B 218 -1.42 -9.55 -9.74
N ARG B 219 -0.65 -9.42 -10.81
CA ARG B 219 -0.80 -8.33 -11.76
C ARG B 219 -2.22 -8.27 -12.35
N ASP B 220 -2.73 -9.40 -12.81
CA ASP B 220 -4.09 -9.47 -13.33
C ASP B 220 -5.16 -9.10 -12.28
N ALA B 221 -4.96 -9.51 -11.03
CA ALA B 221 -5.93 -9.18 -9.98
C ALA B 221 -5.92 -7.69 -9.65
N VAL B 222 -4.75 -7.06 -9.66
CA VAL B 222 -4.66 -5.62 -9.48
C VAL B 222 -5.50 -4.93 -10.55
N ALA B 223 -5.36 -5.41 -11.79
CA ALA B 223 -6.15 -4.86 -12.88
C ALA B 223 -7.63 -4.92 -12.58
N ASN B 224 -8.10 -6.06 -12.08
CA ASN B 224 -9.51 -6.24 -11.78
C ASN B 224 -10.02 -5.36 -10.62
N ILE B 225 -9.15 -5.14 -9.63
CA ILE B 225 -9.46 -4.20 -8.57
C ILE B 225 -9.61 -2.79 -9.14
N THR B 226 -8.69 -2.41 -10.01
CA THR B 226 -8.71 -1.08 -10.60
C THR B 226 -9.97 -0.89 -11.46
N THR B 227 -10.32 -1.93 -12.21
CA THR B 227 -11.53 -1.89 -13.01
C THR B 227 -12.79 -1.71 -12.17
N SER B 228 -12.97 -2.53 -11.13
CA SER B 228 -14.11 -2.41 -10.25
C SER B 228 -14.15 -1.07 -9.54
N ARG B 229 -12.98 -0.54 -9.19
CA ARG B 229 -12.92 0.77 -8.59
C ARG B 229 -13.50 1.82 -9.54
N ALA B 230 -13.09 1.76 -10.80
CA ALA B 230 -13.54 2.72 -11.82
C ALA B 230 -15.06 2.64 -12.01
N GLU B 231 -15.58 1.42 -11.92
CA GLU B 231 -17.03 1.20 -12.03
C GLU B 231 -17.80 1.77 -10.84
N MET B 232 -17.31 1.53 -9.63
CA MET B 232 -17.99 2.09 -8.46
C MET B 232 -17.90 3.62 -8.42
N THR B 233 -16.88 4.18 -9.08
CA THR B 233 -16.77 5.64 -9.13
C THR B 233 -17.95 6.18 -9.91
N VAL B 234 -18.20 5.55 -11.06
CA VAL B 234 -19.32 5.89 -11.93
C VAL B 234 -20.66 5.65 -11.27
N GLN B 235 -20.83 4.46 -10.71
CA GLN B 235 -22.06 4.17 -9.97
C GLN B 235 -22.31 5.18 -8.84
N GLY B 236 -21.26 5.54 -8.11
CA GLY B 236 -21.39 6.50 -7.03
C GLY B 236 -21.92 7.83 -7.53
N ALA B 237 -21.33 8.33 -8.60
CA ALA B 237 -21.78 9.61 -9.16
C ALA B 237 -23.22 9.52 -9.67
N ASP B 238 -23.62 8.35 -10.16
CA ASP B 238 -24.99 8.13 -10.61
C ASP B 238 -25.95 8.12 -9.43
N ILE B 239 -25.59 7.41 -8.36
CA ILE B 239 -26.39 7.38 -7.13
C ILE B 239 -26.52 8.77 -6.50
N VAL B 240 -25.41 9.51 -6.45
CA VAL B 240 -25.45 10.88 -5.92
C VAL B 240 -26.43 11.72 -6.72
N LYS B 241 -26.35 11.62 -8.05
CA LYS B 241 -27.24 12.38 -8.93
C LYS B 241 -28.72 12.11 -8.63
N ARG B 242 -29.10 10.84 -8.61
CA ARG B 242 -30.49 10.45 -8.36
C ARG B 242 -30.97 10.86 -6.96
N SER B 243 -30.11 10.68 -5.97
CA SER B 243 -30.42 11.05 -4.60
C SER B 243 -30.63 12.56 -4.49
N ASP B 244 -29.74 13.32 -5.11
CA ASP B 244 -29.91 14.77 -5.15
C ASP B 244 -31.25 15.17 -5.77
N ALA B 245 -31.63 14.47 -6.84
CA ALA B 245 -32.91 14.73 -7.51
C ALA B 245 -34.13 14.45 -6.62
N LEU B 246 -34.06 13.37 -5.85
CA LEU B 246 -35.12 13.07 -4.89
C LEU B 246 -35.17 14.22 -3.90
N TYR B 247 -34.00 14.67 -3.47
CA TYR B 247 -33.92 15.69 -2.43
C TYR B 247 -34.53 17.01 -2.89
N GLN B 248 -34.31 17.34 -4.16
CA GLN B 248 -34.82 18.59 -4.71
C GLN B 248 -36.33 18.57 -4.86
N ILE B 249 -36.90 17.41 -5.17
CA ILE B 249 -38.35 17.28 -5.30
C ILE B 249 -39.04 17.54 -3.97
N GLN B 250 -38.47 17.02 -2.89
CA GLN B 250 -39.00 17.26 -1.56
C GLN B 250 -38.84 18.73 -1.15
N LEU B 251 -37.74 19.33 -1.56
CA LEU B 251 -37.44 20.70 -1.19
C LEU B 251 -38.39 21.66 -1.88
N GLU B 252 -38.68 21.39 -3.15
CA GLU B 252 -39.61 22.20 -3.91
C GLU B 252 -41.06 21.81 -3.62
N ARG B 253 -41.26 21.06 -2.54
CA ARG B 253 -42.59 20.60 -2.17
C ARG B 253 -42.99 21.17 -0.80
#